data_7VTB
#
_entry.id   7VTB
#
_cell.length_a   75.809
_cell.length_b   61.942
_cell.length_c   81.297
_cell.angle_alpha   90.000
_cell.angle_beta   116.298
_cell.angle_gamma   90.000
#
_symmetry.space_group_name_H-M   'I 1 2 1'
#
loop_
_entity.id
_entity.type
_entity.pdbx_description
1 polymer 'TvTS cyclase domain'
2 non-polymer 'NICKEL (II) ION'
3 water water
#
_entity_poly.entity_id   1
_entity_poly.type   'polypeptide(L)'
_entity_poly.pdbx_seq_one_letter_code
;MDFKYSRELKLESLDALNLTEGIPLRVNENIDLEFRGIERAHSDWERYVGKLNGFHGGRGPQFGFVSACIPECLPERMET
VSYANEFAFLHDDMTDAASKDQVNGLNDDLLGGLDFTTEARSSASGKQQMQAKLLLEMLSIDRERTMVTIKAWADFMRGA
AGRDHHRGFSSLDEYIPYRCADCGEKFWFGLVTFAMALSIPEQELELVQRLAQNAYLAAGLTNDLYSYEKEQLVAERSGT
GQVFNAIAVIMQEHSVSISEAEDICRGRIREYAAKYVRDVADLRAKNELSRDSLAYLETGLYGISGSTAWNLDCPRYQVS
TFVDFKTP
;
_entity_poly.pdbx_strand_id   A
#
loop_
_chem_comp.id
_chem_comp.type
_chem_comp.name
_chem_comp.formula
NI non-polymer 'NICKEL (II) ION' 'Ni 2'
#
# COMPACT_ATOMS: atom_id res chain seq x y z
N MET A 1 18.97 3.52 -7.51
CA MET A 1 18.79 4.47 -6.42
C MET A 1 20.03 4.50 -5.54
N ASP A 2 20.40 5.67 -5.06
CA ASP A 2 21.48 5.78 -4.07
C ASP A 2 20.86 5.58 -2.69
N PHE A 3 20.96 4.36 -2.16
CA PHE A 3 20.28 4.02 -0.91
C PHE A 3 21.00 4.64 0.28
N LYS A 4 20.23 5.32 1.13
CA LYS A 4 20.75 5.94 2.32
C LYS A 4 20.07 5.48 3.61
N TYR A 5 18.84 4.97 3.53
CA TYR A 5 18.04 4.74 4.71
C TYR A 5 17.54 3.32 4.86
N SER A 6 17.89 2.41 3.93
CA SER A 6 17.34 1.06 3.93
C SER A 6 18.46 0.04 3.80
N ARG A 7 18.11 -1.22 4.04
CA ARG A 7 19.01 -2.33 3.79
C ARG A 7 18.27 -3.42 3.01
N GLU A 8 19.01 -4.16 2.19
CA GLU A 8 18.41 -5.29 1.48
C GLU A 8 18.30 -6.48 2.42
N LEU A 9 17.19 -7.20 2.32
CA LEU A 9 16.95 -8.38 3.17
C LEU A 9 16.85 -9.62 2.30
N LYS A 10 17.58 -10.67 2.69
CA LYS A 10 17.49 -11.96 2.04
C LYS A 10 16.21 -12.67 2.48
N LEU A 11 15.34 -12.98 1.52
CA LEU A 11 14.13 -13.76 1.79
C LEU A 11 13.98 -14.75 0.64
N GLU A 12 14.54 -15.96 0.84
CA GLU A 12 14.56 -16.95 -0.23
C GLU A 12 13.17 -17.34 -0.70
N SER A 13 12.16 -17.22 0.15
CA SER A 13 10.82 -17.62 -0.26
C SER A 13 10.31 -16.81 -1.44
N LEU A 14 10.77 -15.56 -1.60
CA LEU A 14 10.32 -14.75 -2.72
C LEU A 14 10.75 -15.34 -4.05
N ASP A 15 11.96 -15.88 -4.11
CA ASP A 15 12.41 -16.57 -5.32
C ASP A 15 11.50 -17.76 -5.64
N ALA A 16 11.13 -18.53 -4.63
CA ALA A 16 10.27 -19.68 -4.88
C ALA A 16 8.84 -19.25 -5.21
N LEU A 17 8.35 -18.15 -4.62
CA LEU A 17 6.98 -17.73 -4.92
C LEU A 17 6.86 -17.18 -6.33
N ASN A 18 7.92 -16.53 -6.84
CA ASN A 18 7.97 -16.04 -8.21
C ASN A 18 6.83 -15.06 -8.52
N LEU A 19 6.65 -14.08 -7.65
CA LEU A 19 5.65 -13.05 -7.89
C LEU A 19 6.26 -11.66 -8.00
N THR A 20 7.58 -11.54 -7.88
CA THR A 20 8.21 -10.24 -7.72
C THR A 20 9.33 -10.02 -8.72
N GLU A 21 9.51 -10.93 -9.68
CA GLU A 21 10.45 -10.74 -10.80
C GLU A 21 11.86 -10.49 -10.29
N GLY A 22 12.23 -11.16 -9.20
CA GLY A 22 13.57 -11.02 -8.68
C GLY A 22 13.89 -9.66 -8.10
N ILE A 23 12.91 -8.79 -7.94
CA ILE A 23 13.19 -7.48 -7.31
C ILE A 23 13.62 -7.72 -5.87
N PRO A 24 14.73 -7.15 -5.40
CA PRO A 24 15.13 -7.37 -4.01
C PRO A 24 14.16 -6.73 -3.03
N LEU A 25 14.09 -7.34 -1.84
CA LEU A 25 13.36 -6.77 -0.72
C LEU A 25 14.24 -5.78 0.02
N ARG A 26 13.74 -4.57 0.24
CA ARG A 26 14.47 -3.57 0.99
C ARG A 26 13.59 -3.01 2.10
N VAL A 27 14.18 -2.72 3.25
CA VAL A 27 13.39 -2.28 4.38
C VAL A 27 14.08 -1.08 5.00
N ASN A 28 13.31 0.00 5.18
CA ASN A 28 13.81 1.19 5.87
C ASN A 28 14.35 0.81 7.26
N GLU A 29 15.49 1.42 7.63
CA GLU A 29 16.09 1.14 8.94
C GLU A 29 15.21 1.59 10.11
N ASN A 30 14.29 2.53 9.88
CA ASN A 30 13.58 3.19 10.98
C ASN A 30 12.24 2.53 11.27
N ILE A 31 12.31 1.21 11.43
CA ILE A 31 11.14 0.42 11.79
C ILE A 31 10.53 0.90 13.10
N ASP A 32 11.39 1.28 14.04
CA ASP A 32 10.87 1.76 15.32
C ASP A 32 10.01 3.01 15.13
N LEU A 33 10.39 3.89 14.20
CA LEU A 33 9.58 5.07 13.94
C LEU A 33 8.28 4.71 13.24
N GLU A 34 8.32 3.72 12.35
CA GLU A 34 7.09 3.28 11.72
C GLU A 34 6.13 2.74 12.77
N PHE A 35 6.63 1.92 13.70
CA PHE A 35 5.73 1.31 14.67
C PHE A 35 5.20 2.34 15.65
N ARG A 36 6.00 3.37 15.95
CA ARG A 36 5.52 4.49 16.75
C ARG A 36 4.38 5.23 16.06
N GLY A 37 4.51 5.48 14.75
CA GLY A 37 3.42 6.12 14.03
C GLY A 37 2.15 5.29 14.04
N ILE A 38 2.29 3.97 13.95
CA ILE A 38 1.11 3.09 13.95
C ILE A 38 0.42 3.14 15.31
N GLU A 39 1.21 3.07 16.38
CA GLU A 39 0.62 3.11 17.72
C GLU A 39 -0.06 4.44 18.00
N ARG A 40 0.53 5.54 17.54
CA ARG A 40 -0.11 6.83 17.75
C ARG A 40 -1.39 6.96 16.94
N ALA A 41 -1.41 6.39 15.74
CA ALA A 41 -2.66 6.35 14.96
C ALA A 41 -3.74 5.57 15.68
N HIS A 42 -3.37 4.44 16.30
CA HIS A 42 -4.36 3.66 17.05
C HIS A 42 -4.85 4.43 18.27
N SER A 43 -3.92 5.07 19.00
CA SER A 43 -4.31 5.84 20.17
C SER A 43 -5.25 6.99 19.78
N ASP A 44 -4.91 7.73 18.72
CA ASP A 44 -5.77 8.81 18.26
C ASP A 44 -7.14 8.28 17.79
N TRP A 45 -7.14 7.17 17.05
CA TRP A 45 -8.40 6.61 16.56
C TRP A 45 -9.30 6.24 17.73
N GLU A 46 -8.74 5.64 18.78
CA GLU A 46 -9.55 5.31 19.93
C GLU A 46 -10.02 6.57 20.67
N ARG A 47 -9.18 7.62 20.68
CA ARG A 47 -9.57 8.87 21.32
C ARG A 47 -10.66 9.59 20.52
N TYR A 48 -10.53 9.64 19.20
CA TYR A 48 -11.39 10.49 18.39
C TYR A 48 -12.54 9.77 17.70
N VAL A 49 -12.39 8.47 17.35
CA VAL A 49 -13.29 7.83 16.41
C VAL A 49 -14.03 6.64 17.03
N GLY A 50 -13.29 5.68 17.58
CA GLY A 50 -13.97 4.50 18.10
C GLY A 50 -13.00 3.45 18.59
N LYS A 51 -13.58 2.38 19.12
CA LYS A 51 -12.82 1.28 19.70
C LYS A 51 -12.22 0.38 18.62
N LEU A 52 -11.03 -0.14 18.89
CA LEU A 52 -10.39 -1.13 18.03
C LEU A 52 -10.60 -2.52 18.62
N ASN A 53 -11.03 -3.46 17.79
CA ASN A 53 -11.12 -4.85 18.20
C ASN A 53 -10.72 -5.74 17.04
N GLY A 54 -9.62 -6.49 17.22
CA GLY A 54 -9.15 -7.36 16.16
C GLY A 54 -8.68 -6.62 14.93
N PHE A 55 -8.30 -5.36 15.07
CA PHE A 55 -7.86 -4.58 13.93
C PHE A 55 -6.36 -4.73 13.73
N HIS A 56 -5.95 -5.03 12.50
CA HIS A 56 -4.55 -4.99 12.13
C HIS A 56 -4.41 -4.21 10.84
N GLY A 57 -3.46 -3.26 10.83
CA GLY A 57 -3.18 -2.47 9.64
C GLY A 57 -1.84 -2.83 9.04
N GLY A 58 -0.89 -1.90 9.06
CA GLY A 58 0.36 -2.11 8.37
C GLY A 58 1.45 -2.80 9.17
N ARG A 59 1.22 -3.07 10.45
CA ARG A 59 2.28 -3.63 11.26
C ARG A 59 2.52 -5.08 10.87
N GLY A 60 3.79 -5.49 10.85
CA GLY A 60 4.12 -6.88 10.65
C GLY A 60 5.05 -7.33 11.75
N PRO A 61 5.32 -8.65 11.83
CA PRO A 61 6.16 -9.16 12.95
C PRO A 61 7.60 -8.69 12.89
N GLN A 62 8.14 -8.40 11.70
CA GLN A 62 9.51 -7.91 11.56
C GLN A 62 9.57 -6.48 11.04
N PHE A 63 8.70 -6.13 10.11
CA PHE A 63 8.70 -4.80 9.52
C PHE A 63 7.26 -4.47 9.17
N GLY A 64 7.01 -3.20 8.94
CA GLY A 64 5.70 -2.76 8.58
C GLY A 64 5.60 -2.47 7.09
N PHE A 65 4.35 -2.22 6.68
CA PHE A 65 4.06 -2.00 5.27
C PHE A 65 4.90 -0.85 4.72
N VAL A 66 4.99 0.25 5.45
CA VAL A 66 5.66 1.42 4.91
C VAL A 66 7.18 1.22 4.85
N SER A 67 7.74 0.54 5.85
CA SER A 67 9.19 0.33 5.83
C SER A 67 9.62 -0.55 4.67
N ALA A 68 8.79 -1.52 4.29
CA ALA A 68 9.13 -2.38 3.15
C ALA A 68 8.78 -1.75 1.82
N CYS A 69 7.71 -0.95 1.76
CA CYS A 69 7.22 -0.44 0.48
C CYS A 69 7.71 0.96 0.15
N ILE A 70 8.16 1.73 1.13
CA ILE A 70 8.89 2.97 0.88
C ILE A 70 10.23 2.87 1.59
N PRO A 71 11.15 2.01 1.12
CA PRO A 71 12.38 1.77 1.90
C PRO A 71 13.23 3.02 2.07
N GLU A 72 13.23 3.92 1.10
CA GLU A 72 13.99 5.16 1.19
C GLU A 72 13.15 6.33 1.68
N CYS A 73 12.09 6.05 2.45
CA CYS A 73 11.38 7.10 3.18
C CYS A 73 12.36 7.94 3.99
N LEU A 74 12.20 9.27 3.95
CA LEU A 74 13.10 10.11 4.73
C LEU A 74 12.88 9.82 6.21
N PRO A 75 13.95 9.55 6.98
CA PRO A 75 13.75 9.15 8.39
C PRO A 75 12.86 10.09 9.19
N GLU A 76 13.01 11.41 9.03
CA GLU A 76 12.25 12.35 9.84
C GLU A 76 10.80 12.49 9.37
N ARG A 77 10.42 11.81 8.28
CA ARG A 77 9.05 11.75 7.83
C ARG A 77 8.38 10.40 8.12
N MET A 78 9.16 9.40 8.54
CA MET A 78 8.62 8.05 8.72
C MET A 78 7.45 8.02 9.69
N GLU A 79 7.60 8.63 10.86
CA GLU A 79 6.52 8.54 11.82
C GLU A 79 5.22 9.09 11.24
N THR A 80 5.31 10.23 10.54
CA THR A 80 4.12 10.86 9.96
C THR A 80 3.57 10.06 8.79
N VAL A 81 4.47 9.52 7.96
CA VAL A 81 4.07 8.70 6.82
C VAL A 81 3.37 7.43 7.29
N SER A 82 3.95 6.78 8.31
CA SER A 82 3.33 5.57 8.85
C SER A 82 1.98 5.86 9.50
N TYR A 83 1.90 6.94 10.28
CA TYR A 83 0.62 7.37 10.84
C TYR A 83 -0.44 7.50 9.76
N ALA A 84 -0.10 8.21 8.67
CA ALA A 84 -1.06 8.44 7.59
C ALA A 84 -1.46 7.13 6.92
N ASN A 85 -0.50 6.24 6.70
CA ASN A 85 -0.84 4.94 6.11
C ASN A 85 -1.75 4.14 7.03
N GLU A 86 -1.48 4.18 8.33
CA GLU A 86 -2.32 3.43 9.27
C GLU A 86 -3.71 4.05 9.35
N PHE A 87 -3.79 5.38 9.41
CA PHE A 87 -5.06 6.09 9.25
C PHE A 87 -5.82 5.61 8.01
N ALA A 88 -5.15 5.43 6.87
CA ALA A 88 -5.86 4.99 5.68
C ALA A 88 -6.41 3.57 5.84
N PHE A 89 -5.62 2.66 6.46
CA PHE A 89 -6.14 1.32 6.75
C PHE A 89 -7.39 1.40 7.61
N LEU A 90 -7.31 2.16 8.71
CA LEU A 90 -8.45 2.33 9.61
C LEU A 90 -9.65 2.92 8.89
N HIS A 91 -9.42 3.99 8.13
CA HIS A 91 -10.51 4.66 7.44
C HIS A 91 -11.15 3.76 6.39
N ASP A 92 -10.34 2.99 5.68
CA ASP A 92 -10.87 2.13 4.63
C ASP A 92 -11.71 0.99 5.21
N ASP A 93 -11.28 0.44 6.34
CA ASP A 93 -12.07 -0.62 6.97
C ASP A 93 -13.39 -0.08 7.49
N MET A 94 -13.37 1.10 8.11
CA MET A 94 -14.61 1.71 8.57
C MET A 94 -15.53 2.04 7.41
N THR A 95 -14.97 2.51 6.29
CA THR A 95 -15.78 2.82 5.11
C THR A 95 -16.36 1.56 4.49
N ASP A 96 -15.59 0.47 4.46
CA ASP A 96 -16.15 -0.80 4.02
C ASP A 96 -17.27 -1.26 4.94
N ALA A 97 -16.99 -1.29 6.26
CA ALA A 97 -17.99 -1.71 7.23
C ALA A 97 -19.29 -0.91 7.09
N ALA A 98 -19.18 0.42 7.08
CA ALA A 98 -20.37 1.26 6.89
C ALA A 98 -21.07 0.93 5.58
N SER A 99 -20.36 1.07 4.47
CA SER A 99 -20.91 0.80 3.14
C SER A 99 -20.95 -0.70 2.85
N ALA A 120 -22.08 8.43 16.14
CA ALA A 120 -21.82 8.55 14.70
C ALA A 120 -21.43 9.98 14.34
N ARG A 121 -22.15 10.95 14.89
CA ARG A 121 -21.81 12.35 14.63
C ARG A 121 -20.48 12.71 15.27
N SER A 122 -20.26 12.28 16.51
CA SER A 122 -19.01 12.59 17.19
C SER A 122 -17.83 11.81 16.62
N SER A 123 -18.09 10.63 16.04
CA SER A 123 -16.99 9.88 15.43
C SER A 123 -16.55 10.52 14.11
N ALA A 124 -17.51 11.03 13.32
CA ALA A 124 -17.16 11.72 12.09
C ALA A 124 -16.49 13.07 12.39
N SER A 125 -16.92 13.75 13.44
CA SER A 125 -16.22 14.94 13.88
C SER A 125 -14.84 14.59 14.42
N GLY A 126 -14.73 13.47 15.12
CA GLY A 126 -13.43 13.04 15.59
C GLY A 126 -12.49 12.72 14.45
N LYS A 127 -13.02 12.14 13.38
CA LYS A 127 -12.18 11.79 12.24
C LYS A 127 -11.67 13.04 11.52
N GLN A 128 -12.46 14.11 11.47
CA GLN A 128 -11.95 15.34 10.87
C GLN A 128 -10.93 16.02 11.78
N GLN A 129 -11.08 15.91 13.11
CA GLN A 129 -10.03 16.41 14.00
C GLN A 129 -8.72 15.65 13.78
N MET A 130 -8.81 14.34 13.56
CA MET A 130 -7.63 13.54 13.34
C MET A 130 -6.99 13.88 12.00
N GLN A 131 -7.80 14.09 10.96
CA GLN A 131 -7.26 14.53 9.68
C GLN A 131 -6.59 15.89 9.79
N ALA A 132 -7.21 16.83 10.51
CA ALA A 132 -6.65 18.17 10.63
C ALA A 132 -5.32 18.15 11.36
N LYS A 133 -5.22 17.36 12.43
CA LYS A 133 -3.96 17.24 13.16
C LYS A 133 -2.86 16.69 12.26
N LEU A 134 -3.19 15.69 11.43
CA LEU A 134 -2.21 15.14 10.51
C LEU A 134 -1.81 16.17 9.46
N LEU A 135 -2.80 16.88 8.91
CA LEU A 135 -2.51 17.91 7.92
C LEU A 135 -1.56 18.98 8.48
N LEU A 136 -1.80 19.39 9.73
CA LEU A 136 -0.91 20.36 10.36
C LEU A 136 0.51 19.82 10.49
N GLU A 137 0.64 18.55 10.88
CA GLU A 137 1.99 17.98 10.98
C GLU A 137 2.67 17.92 9.62
N MET A 138 1.94 17.50 8.59
CA MET A 138 2.52 17.43 7.24
C MET A 138 2.93 18.80 6.75
N LEU A 139 2.04 19.81 6.93
CA LEU A 139 2.37 21.17 6.51
C LEU A 139 3.61 21.69 7.23
N SER A 140 3.80 21.31 8.49
CA SER A 140 4.98 21.77 9.21
C SER A 140 6.26 21.15 8.67
N ILE A 141 6.15 20.00 8.00
CA ILE A 141 7.32 19.34 7.44
C ILE A 141 7.62 19.83 6.03
N ASP A 142 6.60 20.02 5.19
CA ASP A 142 6.80 20.28 3.76
C ASP A 142 5.51 20.87 3.21
N ARG A 143 5.47 22.20 3.08
CA ARG A 143 4.23 22.85 2.67
C ARG A 143 3.84 22.46 1.25
N GLU A 144 4.76 22.61 0.30
CA GLU A 144 4.39 22.42 -1.10
C GLU A 144 4.07 20.96 -1.38
N ARG A 145 4.85 20.02 -0.84
CA ARG A 145 4.52 18.63 -1.14
C ARG A 145 3.26 18.18 -0.39
N THR A 146 2.99 18.74 0.78
CA THR A 146 1.70 18.46 1.42
C THR A 146 0.53 18.86 0.52
N MET A 147 0.62 20.01 -0.15
CA MET A 147 -0.47 20.42 -1.03
C MET A 147 -0.64 19.50 -2.23
N VAL A 148 0.47 19.01 -2.79
CA VAL A 148 0.36 18.01 -3.85
C VAL A 148 -0.30 16.76 -3.32
N THR A 149 0.10 16.35 -2.12
CA THR A 149 -0.37 15.09 -1.57
C THR A 149 -1.85 15.14 -1.24
N ILE A 150 -2.31 16.24 -0.65
CA ILE A 150 -3.71 16.24 -0.23
C ILE A 150 -4.65 16.44 -1.42
N LYS A 151 -4.19 17.09 -2.49
CA LYS A 151 -5.00 17.10 -3.71
C LYS A 151 -5.12 15.70 -4.29
N ALA A 152 -4.05 14.90 -4.21
CA ALA A 152 -4.13 13.50 -4.61
C ALA A 152 -5.04 12.72 -3.67
N TRP A 153 -5.04 13.05 -2.39
CA TRP A 153 -5.82 12.31 -1.40
C TRP A 153 -7.28 12.71 -1.33
N ALA A 154 -7.70 13.75 -2.05
CA ALA A 154 -9.02 14.36 -1.85
C ALA A 154 -10.15 13.32 -1.85
N ASP A 155 -10.31 12.59 -2.95
CA ASP A 155 -11.37 11.59 -3.05
C ASP A 155 -11.38 10.65 -1.85
N PHE A 156 -10.20 10.15 -1.45
CA PHE A 156 -10.10 9.18 -0.37
C PHE A 156 -10.60 9.75 0.96
N MET A 157 -10.23 10.99 1.27
CA MET A 157 -10.56 11.58 2.57
C MET A 157 -12.08 11.77 2.75
N ASP A 173 -18.04 -9.02 -13.68
CA ASP A 173 -18.27 -10.13 -14.60
C ASP A 173 -16.96 -10.78 -15.02
N GLU A 174 -15.91 -9.96 -15.12
CA GLU A 174 -14.62 -10.42 -15.63
C GLU A 174 -13.52 -9.62 -14.95
N TYR A 175 -12.28 -10.08 -15.13
CA TYR A 175 -11.14 -9.38 -14.54
C TYR A 175 -10.82 -8.09 -15.29
N ILE A 176 -11.28 -7.94 -16.52
CA ILE A 176 -11.02 -6.72 -17.31
C ILE A 176 -11.80 -5.54 -16.76
N PRO A 177 -13.10 -5.66 -16.43
CA PRO A 177 -13.78 -4.52 -15.78
C PRO A 177 -13.34 -4.31 -14.34
N TYR A 178 -13.14 -5.38 -13.58
CA TYR A 178 -12.56 -5.27 -12.25
C TYR A 178 -11.18 -4.62 -12.35
N ARG A 179 -10.91 -3.68 -11.44
CA ARG A 179 -9.63 -2.98 -11.44
C ARG A 179 -9.42 -2.19 -10.15
N ASP A 182 -11.73 4.18 -7.43
CA ASP A 182 -11.37 4.56 -6.07
C ASP A 182 -9.98 5.22 -6.05
N CYS A 183 -9.15 4.84 -7.02
CA CYS A 183 -7.87 5.50 -7.27
C CYS A 183 -6.89 5.32 -6.10
N GLY A 184 -6.75 4.08 -5.63
CA GLY A 184 -5.76 3.75 -4.61
C GLY A 184 -4.35 4.11 -5.01
N GLU A 185 -4.09 4.18 -6.32
N GLU A 185 -4.07 4.16 -6.31
CA GLU A 185 -2.83 4.70 -6.83
CA GLU A 185 -2.80 4.70 -6.75
C GLU A 185 -2.63 6.16 -6.46
C GLU A 185 -2.63 6.14 -6.29
N LYS A 186 -3.73 6.90 -6.22
CA LYS A 186 -3.62 8.30 -5.83
C LYS A 186 -3.20 8.44 -4.37
N PHE A 187 -3.73 7.60 -3.48
CA PHE A 187 -3.26 7.65 -2.10
C PHE A 187 -1.76 7.39 -2.03
N TRP A 188 -1.31 6.33 -2.71
CA TRP A 188 0.10 5.95 -2.65
C TRP A 188 0.98 6.97 -3.34
N PHE A 189 0.55 7.50 -4.48
CA PHE A 189 1.30 8.60 -5.10
C PHE A 189 1.51 9.74 -4.10
N GLY A 190 0.43 10.16 -3.44
CA GLY A 190 0.54 11.24 -2.46
C GLY A 190 1.48 10.89 -1.32
N LEU A 191 1.43 9.64 -0.85
CA LEU A 191 2.22 9.27 0.32
C LEU A 191 3.71 9.15 -0.03
N VAL A 192 4.03 8.51 -1.14
CA VAL A 192 5.43 8.33 -1.55
C VAL A 192 6.09 9.68 -1.86
N THR A 193 5.41 10.54 -2.63
CA THR A 193 6.04 11.81 -2.98
C THR A 193 6.30 12.65 -1.74
N PHE A 194 5.39 12.61 -0.76
CA PHE A 194 5.64 13.29 0.50
C PHE A 194 6.77 12.61 1.28
N ALA A 195 6.70 11.28 1.39
CA ALA A 195 7.67 10.52 2.18
C ALA A 195 9.10 10.75 1.71
N MET A 196 9.31 10.86 0.40
CA MET A 196 10.66 11.00 -0.12
C MET A 196 10.96 12.39 -0.67
N ALA A 197 10.09 13.36 -0.42
CA ALA A 197 10.30 14.75 -0.84
C ALA A 197 10.58 14.81 -2.35
N LEU A 198 9.69 14.19 -3.11
CA LEU A 198 9.76 14.15 -4.57
C LEU A 198 8.80 15.17 -5.17
N SER A 199 9.23 15.80 -6.26
CA SER A 199 8.38 16.69 -7.04
C SER A 199 8.40 16.20 -8.49
N ILE A 200 7.29 15.64 -8.95
CA ILE A 200 7.19 15.15 -10.33
C ILE A 200 6.91 16.35 -11.22
N PRO A 201 7.77 16.64 -12.19
CA PRO A 201 7.47 17.74 -13.13
C PRO A 201 6.12 17.51 -13.80
N GLU A 202 5.36 18.60 -13.97
CA GLU A 202 4.03 18.50 -14.57
C GLU A 202 4.07 17.83 -15.94
N GLN A 203 5.12 18.06 -16.71
CA GLN A 203 5.19 17.53 -18.07
C GLN A 203 5.51 16.04 -18.10
N GLU A 204 5.95 15.46 -16.98
CA GLU A 204 6.21 14.03 -16.88
C GLU A 204 5.09 13.26 -16.18
N LEU A 205 4.16 13.95 -15.53
CA LEU A 205 3.21 13.28 -14.64
C LEU A 205 2.31 12.30 -15.37
N GLU A 206 1.79 12.68 -16.55
CA GLU A 206 0.90 11.79 -17.27
C GLU A 206 1.61 10.47 -17.62
N LEU A 207 2.84 10.56 -18.12
CA LEU A 207 3.59 9.36 -18.48
C LEU A 207 3.93 8.53 -17.25
N VAL A 208 4.47 9.19 -16.22
CA VAL A 208 4.88 8.48 -15.00
C VAL A 208 3.70 7.73 -14.37
N GLN A 209 2.54 8.39 -14.29
CA GLN A 209 1.38 7.73 -13.69
C GLN A 209 0.90 6.57 -14.55
N ARG A 210 0.94 6.73 -15.87
CA ARG A 210 0.53 5.64 -16.75
C ARG A 210 1.47 4.44 -16.64
N LEU A 211 2.79 4.67 -16.61
CA LEU A 211 3.69 3.53 -16.47
C LEU A 211 3.59 2.88 -15.10
N ALA A 212 3.34 3.67 -14.04
CA ALA A 212 3.22 3.09 -12.70
C ALA A 212 2.02 2.16 -12.57
N GLN A 213 1.02 2.28 -13.44
CA GLN A 213 -0.18 1.46 -13.31
C GLN A 213 0.14 -0.03 -13.32
N ASN A 214 1.18 -0.45 -14.05
CA ASN A 214 1.52 -1.87 -14.09
C ASN A 214 2.02 -2.35 -12.74
N ALA A 215 2.75 -1.51 -11.99
CA ALA A 215 3.19 -1.89 -10.65
C ALA A 215 2.01 -1.94 -9.69
N TYR A 216 1.09 -0.99 -9.78
CA TYR A 216 -0.10 -1.02 -8.92
C TYR A 216 -0.95 -2.26 -9.20
N LEU A 217 -1.08 -2.66 -10.47
CA LEU A 217 -1.85 -3.85 -10.79
C LEU A 217 -1.21 -5.11 -10.24
N ALA A 218 0.11 -5.25 -10.41
CA ALA A 218 0.80 -6.43 -9.87
C ALA A 218 0.68 -6.49 -8.35
N ALA A 219 0.97 -5.39 -7.66
CA ALA A 219 0.89 -5.37 -6.21
C ALA A 219 -0.56 -5.54 -5.74
N GLY A 220 -1.51 -4.91 -6.45
CA GLY A 220 -2.91 -5.02 -6.06
C GLY A 220 -3.47 -6.42 -6.28
N LEU A 221 -3.07 -7.08 -7.37
CA LEU A 221 -3.53 -8.45 -7.56
C LEU A 221 -2.93 -9.40 -6.53
N THR A 222 -1.63 -9.23 -6.23
CA THR A 222 -1.00 -10.04 -5.18
C THR A 222 -1.68 -9.79 -3.84
N ASN A 223 -2.04 -8.55 -3.56
CA ASN A 223 -2.75 -8.22 -2.34
C ASN A 223 -4.07 -8.98 -2.26
N ASP A 224 -4.86 -8.96 -3.33
CA ASP A 224 -6.12 -9.70 -3.35
C ASP A 224 -5.87 -11.20 -3.21
N LEU A 225 -4.82 -11.70 -3.86
CA LEU A 225 -4.46 -13.10 -3.73
C LEU A 225 -4.23 -13.49 -2.27
N TYR A 226 -3.57 -12.64 -1.49
CA TYR A 226 -3.25 -13.03 -0.12
C TYR A 226 -4.32 -12.64 0.88
N SER A 227 -5.24 -11.77 0.52
CA SER A 227 -6.30 -11.36 1.44
C SER A 227 -7.60 -12.13 1.24
N TYR A 228 -7.71 -12.90 0.17
CA TYR A 228 -9.00 -13.49 -0.19
C TYR A 228 -9.52 -14.41 0.91
N GLU A 229 -8.67 -15.31 1.40
CA GLU A 229 -9.11 -16.30 2.38
C GLU A 229 -9.73 -15.64 3.61
N LYS A 230 -9.01 -14.71 4.23
CA LYS A 230 -9.57 -14.03 5.39
C LYS A 230 -10.82 -13.24 5.02
N GLU A 231 -10.83 -12.60 3.85
CA GLU A 231 -12.02 -11.86 3.43
C GLU A 231 -13.22 -12.80 3.26
N GLN A 232 -12.99 -13.98 2.67
CA GLN A 232 -14.08 -14.93 2.49
C GLN A 232 -14.60 -15.43 3.83
N LEU A 233 -13.69 -15.72 4.76
CA LEU A 233 -14.09 -16.07 6.12
C LEU A 233 -14.96 -14.98 6.74
N VAL A 234 -14.56 -13.72 6.59
CA VAL A 234 -15.29 -12.61 7.20
C VAL A 234 -16.65 -12.42 6.52
N ALA A 235 -16.73 -12.65 5.21
CA ALA A 235 -18.01 -12.52 4.53
C ALA A 235 -18.93 -13.69 4.83
N GLU A 236 -18.40 -14.92 4.80
CA GLU A 236 -19.21 -16.09 5.10
C GLU A 236 -19.81 -16.04 6.49
N ARG A 237 -19.15 -15.33 7.41
CA ARG A 237 -19.71 -15.02 8.73
C ARG A 237 -20.50 -13.71 8.72
N SER A 238 -21.18 -13.40 7.62
CA SER A 238 -22.02 -12.20 7.51
C SER A 238 -22.89 -12.28 6.26
N VAL A 243 -17.84 -10.40 -2.34
CA VAL A 243 -16.41 -10.15 -2.10
C VAL A 243 -15.74 -9.55 -3.34
N PHE A 244 -15.49 -8.23 -3.29
CA PHE A 244 -14.79 -7.54 -4.38
C PHE A 244 -13.31 -7.90 -4.29
N ASN A 245 -12.98 -9.03 -4.90
CA ASN A 245 -11.61 -9.54 -4.86
C ASN A 245 -11.34 -10.24 -6.18
N ALA A 246 -10.14 -10.02 -6.72
CA ALA A 246 -9.80 -10.59 -8.02
C ALA A 246 -9.98 -12.10 -8.04
N ILE A 247 -9.66 -12.79 -6.93
CA ILE A 247 -9.90 -14.23 -6.89
C ILE A 247 -11.37 -14.53 -7.12
N ALA A 248 -12.25 -13.83 -6.40
CA ALA A 248 -13.68 -14.07 -6.60
C ALA A 248 -14.09 -13.74 -8.03
N VAL A 249 -13.58 -12.65 -8.58
CA VAL A 249 -13.93 -12.24 -9.94
C VAL A 249 -13.51 -13.29 -10.95
N ILE A 250 -12.31 -13.87 -10.78
CA ILE A 250 -11.84 -14.88 -11.71
C ILE A 250 -12.68 -16.15 -11.59
N MET A 251 -12.96 -16.59 -10.35
CA MET A 251 -13.82 -17.75 -10.17
C MET A 251 -15.14 -17.61 -10.91
N GLN A 252 -15.77 -16.45 -10.80
CA GLN A 252 -17.04 -16.22 -11.50
C GLN A 252 -16.85 -16.17 -13.00
N GLU A 253 -15.82 -15.45 -13.45
CA GLU A 253 -15.63 -15.22 -14.88
C GLU A 253 -15.37 -16.54 -15.61
N HIS A 254 -14.65 -17.47 -14.98
CA HIS A 254 -14.28 -18.70 -15.64
C HIS A 254 -14.96 -19.94 -15.06
N SER A 255 -15.80 -19.77 -14.04
CA SER A 255 -16.46 -20.90 -13.38
C SER A 255 -15.44 -21.93 -12.89
N VAL A 256 -14.53 -21.48 -12.03
CA VAL A 256 -13.40 -22.28 -11.59
C VAL A 256 -13.29 -22.20 -10.07
N SER A 257 -12.52 -23.13 -9.51
CA SER A 257 -12.32 -23.18 -8.07
C SER A 257 -11.37 -22.05 -7.61
N ILE A 258 -11.19 -21.95 -6.29
CA ILE A 258 -10.30 -20.91 -5.74
C ILE A 258 -8.88 -21.09 -6.24
N SER A 259 -8.34 -22.31 -6.09
CA SER A 259 -6.95 -22.55 -6.44
C SER A 259 -6.73 -22.41 -7.94
N GLU A 260 -7.75 -22.67 -8.76
CA GLU A 260 -7.61 -22.45 -10.20
C GLU A 260 -7.57 -20.96 -10.51
N ALA A 261 -8.40 -20.18 -9.82
CA ALA A 261 -8.33 -18.73 -9.95
C ALA A 261 -7.02 -18.15 -9.44
N GLU A 262 -6.50 -18.70 -8.34
CA GLU A 262 -5.19 -18.27 -7.84
C GLU A 262 -4.11 -18.43 -8.91
N ASP A 263 -4.13 -19.53 -9.66
CA ASP A 263 -3.12 -19.75 -10.69
C ASP A 263 -3.26 -18.73 -11.82
N ILE A 264 -4.50 -18.46 -12.23
CA ILE A 264 -4.75 -17.44 -13.24
C ILE A 264 -4.25 -16.08 -12.73
N CYS A 265 -4.60 -15.75 -11.49
CA CYS A 265 -4.17 -14.48 -10.90
C CYS A 265 -2.65 -14.38 -10.84
N ARG A 266 -1.97 -15.47 -10.48
CA ARG A 266 -0.50 -15.45 -10.42
C ARG A 266 0.10 -15.18 -11.80
N GLY A 267 -0.48 -15.77 -12.85
CA GLY A 267 0.02 -15.50 -14.20
C GLY A 267 -0.11 -14.04 -14.58
N ARG A 268 -1.24 -13.42 -14.22
CA ARG A 268 -1.41 -11.99 -14.48
C ARG A 268 -0.41 -11.16 -13.68
N ILE A 269 -0.25 -11.48 -12.38
CA ILE A 269 0.73 -10.76 -11.56
C ILE A 269 2.09 -10.78 -12.21
N ARG A 270 2.52 -11.96 -12.68
CA ARG A 270 3.86 -12.08 -13.27
C ARG A 270 3.99 -11.25 -14.54
N GLU A 271 2.93 -11.19 -15.35
CA GLU A 271 2.96 -10.38 -16.57
C GLU A 271 3.11 -8.90 -16.23
N TYR A 272 2.31 -8.42 -15.28
CA TYR A 272 2.34 -7.01 -14.90
C TYR A 272 3.68 -6.62 -14.28
N ALA A 273 4.19 -7.45 -13.37
CA ALA A 273 5.47 -7.14 -12.73
C ALA A 273 6.62 -7.18 -13.73
N ALA A 274 6.63 -8.17 -14.63
CA ALA A 274 7.69 -8.22 -15.63
C ALA A 274 7.65 -7.00 -16.53
N LYS A 275 6.46 -6.58 -16.97
CA LYS A 275 6.37 -5.38 -17.80
C LYS A 275 6.90 -4.15 -17.07
N TYR A 276 6.51 -3.98 -15.81
CA TYR A 276 6.98 -2.83 -15.03
C TYR A 276 8.49 -2.84 -14.91
N VAL A 277 9.07 -3.97 -14.50
CA VAL A 277 10.53 -4.05 -14.35
C VAL A 277 11.23 -3.66 -15.65
N ARG A 278 10.71 -4.16 -16.79
CA ARG A 278 11.31 -3.81 -18.09
C ARG A 278 11.21 -2.32 -18.37
N ASP A 279 10.06 -1.72 -18.08
CA ASP A 279 9.88 -0.30 -18.34
C ASP A 279 10.82 0.54 -17.47
N VAL A 280 10.88 0.24 -16.17
CA VAL A 280 11.76 1.01 -15.29
C VAL A 280 13.21 0.86 -15.73
N ALA A 281 13.63 -0.37 -16.05
CA ALA A 281 15.00 -0.58 -16.50
C ALA A 281 15.32 0.26 -17.73
N ASP A 282 14.39 0.33 -18.69
CA ASP A 282 14.65 1.10 -19.90
C ASP A 282 14.70 2.60 -19.60
N LEU A 283 13.79 3.08 -18.74
CA LEU A 283 13.80 4.49 -18.38
C LEU A 283 15.07 4.88 -17.66
N ARG A 284 15.58 4.02 -16.77
CA ARG A 284 16.79 4.34 -16.04
C ARG A 284 18.02 4.33 -16.94
N ALA A 285 18.05 3.44 -17.95
CA ALA A 285 19.16 3.42 -18.88
C ALA A 285 19.15 4.64 -19.79
N LYS A 286 17.97 5.03 -20.28
CA LYS A 286 17.91 6.23 -21.10
C LYS A 286 18.20 7.48 -20.28
N ASN A 287 17.79 7.49 -19.02
CA ASN A 287 18.10 8.58 -18.07
C ASN A 287 17.64 9.93 -18.61
N GLU A 288 16.42 9.97 -19.13
CA GLU A 288 15.85 11.20 -19.68
C GLU A 288 14.85 11.84 -18.74
N LEU A 289 14.05 11.05 -18.02
CA LEU A 289 13.15 11.59 -17.02
C LEU A 289 13.93 12.21 -15.87
N SER A 290 13.27 13.11 -15.14
CA SER A 290 13.88 13.74 -13.98
C SER A 290 14.25 12.71 -12.92
N ARG A 291 15.22 13.07 -12.08
CA ARG A 291 15.62 12.19 -10.99
C ARG A 291 14.44 11.83 -10.10
N ASP A 292 13.53 12.79 -9.85
CA ASP A 292 12.42 12.50 -8.96
C ASP A 292 11.44 11.51 -9.59
N SER A 293 11.21 11.59 -10.90
CA SER A 293 10.30 10.63 -11.53
C SER A 293 10.91 9.24 -11.55
N LEU A 294 12.21 9.16 -11.81
CA LEU A 294 12.89 7.88 -11.77
C LEU A 294 12.93 7.32 -10.34
N ALA A 295 13.08 8.20 -9.34
CA ALA A 295 13.02 7.75 -7.94
C ALA A 295 11.67 7.17 -7.60
N TYR A 296 10.58 7.84 -8.05
CA TYR A 296 9.25 7.32 -7.78
C TYR A 296 9.05 5.95 -8.44
N LEU A 297 9.48 5.81 -9.70
CA LEU A 297 9.27 4.54 -10.41
C LEU A 297 10.13 3.43 -9.83
N GLU A 298 11.38 3.73 -9.47
CA GLU A 298 12.20 2.74 -8.77
C GLU A 298 11.55 2.32 -7.46
N THR A 299 10.96 3.28 -6.74
CA THR A 299 10.25 2.95 -5.51
C THR A 299 9.08 2.03 -5.80
N GLY A 300 8.49 2.12 -6.98
CA GLY A 300 7.45 1.18 -7.34
C GLY A 300 7.96 -0.25 -7.35
N LEU A 301 9.22 -0.45 -7.72
CA LEU A 301 9.81 -1.79 -7.66
C LEU A 301 9.77 -2.34 -6.25
N TYR A 302 10.18 -1.52 -5.27
CA TYR A 302 10.23 -2.00 -3.88
C TYR A 302 8.85 -2.08 -3.27
N GLY A 303 7.87 -1.38 -3.85
CA GLY A 303 6.50 -1.58 -3.46
C GLY A 303 6.01 -2.96 -3.83
N ILE A 304 6.47 -3.47 -4.98
CA ILE A 304 6.09 -4.83 -5.39
C ILE A 304 6.74 -5.86 -4.47
N SER A 305 8.07 -5.79 -4.29
CA SER A 305 8.74 -6.79 -3.46
C SER A 305 8.34 -6.64 -2.00
N GLY A 306 8.20 -5.40 -1.53
CA GLY A 306 7.88 -5.17 -0.13
C GLY A 306 6.48 -5.59 0.23
N SER A 307 5.48 -5.23 -0.60
CA SER A 307 4.13 -5.64 -0.27
C SER A 307 4.00 -7.17 -0.32
N THR A 308 4.64 -7.81 -1.29
CA THR A 308 4.57 -9.27 -1.38
C THR A 308 5.19 -9.94 -0.15
N ALA A 309 6.36 -9.48 0.27
CA ALA A 309 6.98 -10.05 1.47
C ALA A 309 6.13 -9.80 2.70
N TRP A 310 5.57 -8.59 2.80
CA TRP A 310 4.74 -8.25 3.96
C TRP A 310 3.47 -9.08 4.00
N ASN A 311 2.84 -9.34 2.83
CA ASN A 311 1.62 -10.13 2.77
C ASN A 311 1.78 -11.49 3.43
N LEU A 312 2.99 -12.06 3.38
CA LEU A 312 3.16 -13.46 3.74
C LEU A 312 2.71 -13.72 5.18
N ASP A 313 3.12 -12.86 6.12
CA ASP A 313 2.78 -13.10 7.52
C ASP A 313 2.16 -11.90 8.23
N CYS A 314 1.75 -10.85 7.52
CA CYS A 314 1.11 -9.74 8.22
C CYS A 314 -0.15 -10.23 8.94
N PRO A 315 -0.35 -9.81 10.19
CA PRO A 315 -1.55 -10.27 10.92
C PRO A 315 -2.85 -9.81 10.28
N ARG A 316 -2.82 -8.73 9.51
CA ARG A 316 -4.04 -8.26 8.85
C ARG A 316 -4.67 -9.35 7.98
N TYR A 317 -3.85 -10.12 7.26
CA TYR A 317 -4.37 -11.18 6.40
C TYR A 317 -4.23 -12.59 6.98
N GLN A 318 -3.67 -12.75 8.19
CA GLN A 318 -3.61 -14.07 8.82
C GLN A 318 -4.99 -14.49 9.30
N VAL A 319 -5.44 -15.68 8.87
CA VAL A 319 -6.68 -16.24 9.40
C VAL A 319 -6.63 -16.37 10.93
N SER A 320 -5.44 -16.67 11.48
CA SER A 320 -5.31 -16.88 12.93
C SER A 320 -5.76 -15.68 13.75
N THR A 321 -5.70 -14.46 13.20
CA THR A 321 -6.10 -13.27 13.93
C THR A 321 -7.56 -12.91 13.74
N PHE A 322 -8.33 -13.75 13.04
CA PHE A 322 -9.74 -13.45 12.85
C PHE A 322 -10.45 -13.33 14.20
N VAL A 323 -11.36 -12.35 14.29
CA VAL A 323 -12.27 -12.21 15.42
C VAL A 323 -13.65 -11.96 14.85
N ASP A 324 -14.68 -12.30 15.64
CA ASP A 324 -16.01 -11.83 15.34
C ASP A 324 -16.17 -10.39 15.82
N PHE A 325 -16.96 -9.62 15.08
CA PHE A 325 -17.18 -8.19 15.39
C PHE A 325 -15.84 -7.43 15.42
N LYS A 326 -15.17 -7.41 14.27
CA LYS A 326 -14.02 -6.55 14.12
C LYS A 326 -14.48 -5.08 14.11
N THR A 327 -13.69 -4.20 14.75
CA THR A 327 -13.94 -2.76 14.63
C THR A 327 -12.60 -2.07 14.39
N PRO A 328 -12.53 -1.15 13.40
CA PRO A 328 -13.63 -0.80 12.49
C PRO A 328 -13.90 -1.88 11.43
NI NI B . 10.34 -1.22 -22.08
#